data_1D7V
#
_entry.id   1D7V
#
_cell.length_a   153.200
_cell.length_b   153.200
_cell.length_c   86.900
_cell.angle_alpha   90.00
_cell.angle_beta   90.00
_cell.angle_gamma   120.00
#
_symmetry.space_group_name_H-M   'P 64 2 2'
#
loop_
_entity.id
_entity.type
_entity.pdbx_description
1 polymer 'PROTEIN (2,2-DIALKYLGLYCINE DECARBOXYLASE (PYRUVATE))'
2 non-polymer 'SODIUM ION'
3 non-polymer 'POTASSIUM ION'
4 non-polymer N-[3-HYDROXY-2-METHYL-5-PHOSPHONOOXYMETHYL-PYRIDIN-4-YLMETHYL]-2-METHYLALANINE
5 water water
#
_entity_poly.entity_id   1
_entity_poly.type   'polypeptide(L)'
_entity_poly.pdbx_seq_one_letter_code
;MSLNDDATFWRNARQHLVRYGGTFEPMIIERAKGSFVYDADGRAILDFTSGQMSAVLGHCHPEIVSVIGEYAGKLDHLFS
GMLSRPVVDLATRLANITPPGLDRALLLSTGAESNEAAIRMAKLVTGKYEIVGFAQSWHGMTGAAASATYSAGRKGVGPA
AVGSFAIPAPFTYRPRFERNGAYDYLAELDYAFDLIDRQSSGNLAAFIAEPILSSGGIIELPDGYMAALKRKCEARGMLL
ILDEAQTGVGRTGTMFACQRDGVTPDILTLSKTLGAGLPLAAIVTSAAIEERAHELGYLFYTTHVSDPLPAAVGLRVLDV
VQRDGLVARANVMGDRLRRGLLDLMERFDCIGDVRGRGLLLGVEIVKDRRTKEPADGLGAKITRECMNLGLSMNIVQLPG
MGGVFRIAPPLTVSEDEIDLGLSLLGQAIERAL
;
_entity_poly.pdbx_strand_id   A
#
loop_
_chem_comp.id
_chem_comp.type
_chem_comp.name
_chem_comp.formula
K non-polymer 'POTASSIUM ION' 'K 1'
NA non-polymer 'SODIUM ION' 'Na 1'
NMA non-polymer N-[3-HYDROXY-2-METHYL-5-PHOSPHONOOXYMETHYL-PYRIDIN-4-YLMETHYL]-2-METHYLALANINE 'C12 H19 N2 O7 P'
#
# COMPACT_ATOMS: atom_id res chain seq x y z
N LEU A 3 4.43 33.01 6.94
CA LEU A 3 3.05 32.52 6.90
C LEU A 3 2.77 31.72 5.65
N ASN A 4 1.86 30.76 5.76
CA ASN A 4 1.54 29.93 4.64
C ASN A 4 0.80 30.73 3.60
N ASP A 5 0.44 31.95 3.99
CA ASP A 5 -0.34 32.86 3.17
C ASP A 5 0.27 33.48 1.91
N ASP A 6 1.58 33.28 1.71
CA ASP A 6 2.30 33.80 0.55
C ASP A 6 1.49 33.83 -0.75
N ALA A 7 0.98 35.02 -1.08
CA ALA A 7 0.14 35.24 -2.24
C ALA A 7 0.73 34.89 -3.59
N THR A 8 2.04 34.95 -3.68
CA THR A 8 2.71 34.62 -4.94
C THR A 8 2.72 33.12 -5.05
N PHE A 9 3.02 32.49 -3.93
CA PHE A 9 3.03 31.05 -3.91
C PHE A 9 1.68 30.63 -4.44
N TRP A 10 0.63 30.81 -3.63
CA TRP A 10 -0.72 30.45 -4.09
C TRP A 10 -1.13 30.91 -5.49
N ARG A 11 -0.70 32.09 -5.89
CA ARG A 11 -1.02 32.57 -7.22
C ARG A 11 -0.44 31.62 -8.27
N ASN A 12 0.87 31.41 -8.20
CA ASN A 12 1.52 30.51 -9.12
C ASN A 12 0.98 29.08 -9.00
N ALA A 13 0.50 28.69 -7.81
CA ALA A 13 -0.06 27.36 -7.62
C ALA A 13 -1.35 27.22 -8.39
N ARG A 14 -2.20 28.25 -8.29
CA ARG A 14 -3.47 28.26 -8.99
C ARG A 14 -3.24 28.35 -10.51
N GLN A 15 -2.27 29.16 -10.89
CA GLN A 15 -1.94 29.40 -12.29
C GLN A 15 -1.25 28.26 -13.06
N HIS A 16 -0.32 27.56 -12.42
CA HIS A 16 0.44 26.52 -13.13
C HIS A 16 0.38 25.03 -12.73
N LEU A 17 -0.37 24.69 -11.70
CA LEU A 17 -0.46 23.30 -11.30
C LEU A 17 -1.63 22.57 -11.91
N VAL A 18 -1.39 21.38 -12.39
CA VAL A 18 -2.48 20.59 -12.90
C VAL A 18 -3.05 19.98 -11.65
N ARG A 19 -4.38 19.88 -11.57
CA ARG A 19 -5.04 19.27 -10.42
C ARG A 19 -5.38 17.83 -10.71
N TYR A 20 -4.76 16.94 -9.94
CA TYR A 20 -4.82 15.50 -10.09
C TYR A 20 -5.62 14.70 -9.03
N GLY A 21 -6.47 15.34 -8.25
CA GLY A 21 -7.25 14.57 -7.30
C GLY A 21 -7.23 15.08 -5.88
N GLY A 22 -8.42 15.29 -5.34
CA GLY A 22 -8.54 15.80 -3.99
C GLY A 22 -8.37 17.30 -3.96
N THR A 23 -7.80 17.79 -2.85
CA THR A 23 -7.55 19.22 -2.66
C THR A 23 -6.25 19.47 -1.92
N PHE A 24 -5.51 20.50 -2.38
CA PHE A 24 -4.22 20.87 -1.80
C PHE A 24 -4.36 21.46 -0.41
N GLU A 25 -3.57 20.95 0.53
CA GLU A 25 -3.61 21.48 1.89
C GLU A 25 -3.16 22.93 1.82
N PRO A 26 -3.95 23.79 2.42
CA PRO A 26 -3.69 25.21 2.45
C PRO A 26 -2.48 25.60 3.29
N MET A 27 -1.40 24.84 3.23
CA MET A 27 -0.22 25.23 3.96
C MET A 27 0.96 25.04 3.04
N ILE A 28 2.08 25.61 3.41
CA ILE A 28 3.28 25.42 2.62
C ILE A 28 4.25 24.63 3.48
N ILE A 29 4.70 23.46 3.02
CA ILE A 29 5.64 22.68 3.81
C ILE A 29 7.05 23.07 3.43
N GLU A 30 7.85 23.34 4.46
CA GLU A 30 9.20 23.83 4.32
C GLU A 30 10.27 22.86 4.77
N ARG A 31 9.92 21.99 5.72
CA ARG A 31 10.88 21.04 6.19
C ARG A 31 10.22 19.84 6.82
N ALA A 32 10.95 18.74 6.80
CA ALA A 32 10.47 17.47 7.32
C ALA A 32 11.57 16.71 8.05
N LYS A 33 11.24 16.26 9.26
CA LYS A 33 12.20 15.49 10.05
C LYS A 33 11.46 14.50 10.95
N GLY A 34 11.89 13.24 10.92
CA GLY A 34 11.26 12.20 11.73
C GLY A 34 9.78 12.07 11.37
N SER A 35 8.95 11.97 12.41
CA SER A 35 7.51 11.84 12.22
C SER A 35 6.83 13.19 12.07
N PHE A 36 7.60 14.21 11.69
CA PHE A 36 7.05 15.56 11.52
C PHE A 36 7.41 16.28 10.25
N VAL A 37 6.42 17.02 9.78
CA VAL A 37 6.59 17.91 8.65
C VAL A 37 6.26 19.28 9.24
N TYR A 38 6.92 20.31 8.74
CA TYR A 38 6.70 21.63 9.28
C TYR A 38 6.22 22.60 8.24
N ASP A 39 5.27 23.47 8.63
CA ASP A 39 4.76 24.49 7.72
C ASP A 39 5.65 25.74 7.60
N ALA A 40 5.13 26.76 6.92
CA ALA A 40 5.88 27.98 6.71
C ALA A 40 5.98 28.81 7.95
N ASP A 41 5.11 28.53 8.91
CA ASP A 41 5.14 29.27 10.17
C ASP A 41 6.00 28.49 11.16
N GLY A 42 6.39 27.28 10.78
CA GLY A 42 7.22 26.47 11.67
C GLY A 42 6.42 25.47 12.47
N ARG A 43 5.09 25.56 12.34
CA ARG A 43 4.19 24.65 13.03
C ARG A 43 4.58 23.20 12.70
N ALA A 44 4.54 22.33 13.69
CA ALA A 44 4.92 20.95 13.47
C ALA A 44 3.71 20.05 13.34
N ILE A 45 3.67 19.31 12.23
CA ILE A 45 2.58 18.37 11.95
C ILE A 45 3.06 16.92 12.04
N LEU A 46 2.40 16.17 12.90
CA LEU A 46 2.71 14.75 13.09
C LEU A 46 2.26 13.97 11.83
N ASP A 47 3.23 13.39 11.14
CA ASP A 47 2.94 12.67 9.93
C ASP A 47 2.46 11.26 10.18
N PHE A 48 1.18 11.13 10.49
CA PHE A 48 0.58 9.85 10.77
C PHE A 48 0.26 9.04 9.54
N THR A 49 0.73 9.47 8.39
CA THR A 49 0.48 8.75 7.14
C THR A 49 1.76 8.45 6.41
N SER A 50 2.88 8.75 7.05
CA SER A 50 4.19 8.51 6.46
C SER A 50 4.26 9.06 5.06
N GLY A 51 3.74 10.28 4.91
CA GLY A 51 3.72 10.93 3.61
C GLY A 51 2.62 10.23 2.90
N GLN A 52 2.91 9.69 1.73
CA GLN A 52 1.92 8.91 1.02
C GLN A 52 2.21 7.42 1.27
N MET A 53 2.29 7.14 2.57
CA MET A 53 2.53 5.81 3.17
C MET A 53 3.88 5.21 2.74
N SER A 54 4.89 6.06 2.62
CA SER A 54 6.21 5.60 2.15
C SER A 54 7.34 5.79 3.14
N ALA A 55 7.46 6.99 3.72
CA ALA A 55 8.54 7.25 4.65
C ALA A 55 8.60 6.27 5.82
N VAL A 56 8.94 5.03 5.54
CA VAL A 56 9.02 3.98 6.56
C VAL A 56 10.01 4.28 7.69
N LEU A 57 11.08 4.99 7.36
CA LEU A 57 12.12 5.33 8.34
C LEU A 57 11.95 6.78 8.76
N GLY A 58 10.87 7.38 8.29
CA GLY A 58 10.57 8.77 8.59
C GLY A 58 11.26 9.71 7.62
N HIS A 59 11.03 11.01 7.79
CA HIS A 59 11.62 12.03 6.94
C HIS A 59 13.06 12.38 7.19
N CYS A 60 13.88 12.18 6.20
CA CYS A 60 15.26 12.53 6.29
C CYS A 60 16.02 11.74 7.33
N HIS A 61 16.03 10.44 7.09
CA HIS A 61 16.73 9.53 7.95
C HIS A 61 18.22 9.49 7.70
N PRO A 62 18.93 10.19 8.55
CA PRO A 62 20.38 10.28 8.50
C PRO A 62 21.09 9.23 7.68
N GLU A 63 20.70 7.96 7.84
CA GLU A 63 21.36 6.88 7.09
C GLU A 63 21.02 6.96 5.62
N ILE A 64 19.79 7.31 5.36
CA ILE A 64 19.32 7.47 4.02
C ILE A 64 20.04 8.64 3.39
N VAL A 65 20.11 9.73 4.14
CA VAL A 65 20.76 10.93 3.66
C VAL A 65 22.17 10.67 3.16
N SER A 66 22.92 9.96 3.97
CA SER A 66 24.29 9.66 3.66
C SER A 66 24.39 8.80 2.41
N VAL A 67 23.64 7.71 2.39
CA VAL A 67 23.74 6.90 1.21
C VAL A 67 23.41 7.70 -0.05
N ILE A 68 22.37 8.53 0.03
CA ILE A 68 21.98 9.34 -1.12
C ILE A 68 23.10 10.25 -1.58
N GLY A 69 23.74 10.90 -0.65
CA GLY A 69 24.83 11.76 -1.02
C GLY A 69 26.03 10.89 -1.42
N GLU A 70 26.25 9.77 -0.69
CA GLU A 70 27.37 8.87 -0.99
C GLU A 70 27.37 8.36 -2.43
N TYR A 71 26.19 8.26 -3.03
CA TYR A 71 26.09 7.76 -4.38
C TYR A 71 25.77 8.82 -5.40
N ALA A 72 25.15 9.88 -4.91
CA ALA A 72 24.78 11.00 -5.77
C ALA A 72 26.00 11.48 -6.52
N GLY A 73 27.13 11.45 -5.84
CA GLY A 73 28.37 11.89 -6.42
C GLY A 73 29.29 10.75 -6.86
N LYS A 74 28.82 9.51 -6.80
CA LYS A 74 29.69 8.40 -7.21
C LYS A 74 29.18 7.54 -8.37
N LEU A 75 27.95 7.04 -8.26
CA LEU A 75 27.30 6.22 -9.29
C LEU A 75 25.88 6.75 -9.35
N ASP A 76 25.46 7.27 -10.47
CA ASP A 76 24.13 7.83 -10.51
C ASP A 76 23.09 7.08 -11.33
N HIS A 77 23.11 7.29 -12.63
CA HIS A 77 22.16 6.65 -13.52
C HIS A 77 22.94 6.01 -14.64
N LEU A 78 22.53 4.80 -15.06
CA LEU A 78 23.28 4.08 -16.11
C LEU A 78 22.48 3.50 -17.27
N PHE A 79 23.20 3.25 -18.36
CA PHE A 79 22.66 2.61 -19.54
C PHE A 79 22.07 1.29 -19.02
N SER A 80 20.80 1.02 -19.35
CA SER A 80 20.07 -0.12 -18.83
C SER A 80 20.68 -1.48 -18.99
N GLY A 81 21.78 -1.53 -19.74
CA GLY A 81 22.49 -2.78 -19.95
C GLY A 81 23.69 -2.94 -19.04
N MET A 82 23.94 -1.94 -18.21
CA MET A 82 25.09 -1.99 -17.35
C MET A 82 24.83 -2.35 -15.91
N LEU A 83 25.51 -3.39 -15.44
CA LEU A 83 25.34 -3.78 -14.06
C LEU A 83 26.29 -3.06 -13.11
N SER A 84 25.85 -2.99 -11.86
CA SER A 84 26.59 -2.33 -10.80
C SER A 84 26.30 -3.02 -9.49
N ARG A 85 27.13 -2.74 -8.53
CA ARG A 85 27.02 -3.37 -7.25
C ARG A 85 25.72 -3.23 -6.46
N PRO A 86 25.24 -2.01 -6.29
CA PRO A 86 24.03 -1.83 -5.51
C PRO A 86 22.87 -2.64 -6.09
N VAL A 87 22.80 -2.63 -7.42
CA VAL A 87 21.77 -3.38 -8.11
C VAL A 87 21.82 -4.84 -7.73
N VAL A 88 22.96 -5.47 -7.97
CA VAL A 88 23.14 -6.87 -7.65
C VAL A 88 22.99 -7.18 -6.14
N ASP A 89 23.46 -6.30 -5.26
CA ASP A 89 23.33 -6.56 -3.81
C ASP A 89 21.89 -6.52 -3.34
N LEU A 90 21.11 -5.62 -3.94
CA LEU A 90 19.70 -5.48 -3.58
C LEU A 90 18.93 -6.69 -4.11
N ALA A 91 19.20 -7.01 -5.37
CA ALA A 91 18.55 -8.16 -5.94
C ALA A 91 18.75 -9.34 -4.99
N THR A 92 20.01 -9.61 -4.60
CA THR A 92 20.37 -10.70 -3.68
C THR A 92 19.63 -10.59 -2.34
N ARG A 93 19.77 -9.43 -1.71
CA ARG A 93 19.11 -9.24 -0.44
C ARG A 93 17.64 -9.64 -0.54
N LEU A 94 16.93 -9.12 -1.52
CA LEU A 94 15.53 -9.44 -1.67
C LEU A 94 15.31 -10.94 -1.79
N ALA A 95 16.23 -11.60 -2.48
CA ALA A 95 16.14 -13.05 -2.68
C ALA A 95 16.32 -13.77 -1.38
N ASN A 96 17.15 -13.21 -0.51
CA ASN A 96 17.44 -13.78 0.79
C ASN A 96 16.44 -13.50 1.91
N ILE A 97 15.67 -12.43 1.80
CA ILE A 97 14.72 -12.10 2.87
C ILE A 97 13.27 -12.44 2.58
N THR A 98 12.98 -12.78 1.35
CA THR A 98 11.63 -13.13 1.02
C THR A 98 11.61 -14.62 1.17
N PRO A 99 10.43 -15.17 1.31
CA PRO A 99 10.25 -16.59 1.46
C PRO A 99 10.95 -17.39 0.38
N PRO A 100 10.97 -18.71 0.55
CA PRO A 100 11.57 -19.56 -0.43
C PRO A 100 10.63 -19.57 -1.60
N GLY A 101 11.17 -19.70 -2.80
CA GLY A 101 10.35 -19.72 -4.01
C GLY A 101 10.40 -18.38 -4.75
N LEU A 102 10.90 -17.35 -4.06
CA LEU A 102 11.05 -16.02 -4.61
C LEU A 102 12.56 -15.84 -4.77
N ASP A 103 13.05 -15.89 -6.03
CA ASP A 103 14.50 -15.85 -6.27
C ASP A 103 15.06 -14.74 -7.09
N ARG A 104 14.27 -14.21 -8.00
CA ARG A 104 14.78 -13.15 -8.85
C ARG A 104 14.03 -11.85 -8.89
N ALA A 105 14.79 -10.76 -8.96
CA ALA A 105 14.22 -9.44 -8.93
C ALA A 105 14.55 -8.54 -10.10
N LEU A 106 13.60 -7.64 -10.36
CA LEU A 106 13.70 -6.60 -11.36
C LEU A 106 13.40 -5.32 -10.60
N LEU A 107 14.31 -4.37 -10.74
CA LEU A 107 14.24 -3.13 -10.00
C LEU A 107 13.71 -2.03 -10.86
N LEU A 108 12.58 -1.48 -10.44
CA LEU A 108 11.93 -0.44 -11.16
C LEU A 108 11.85 0.86 -10.40
N SER A 109 10.80 1.63 -10.67
CA SER A 109 10.65 2.95 -10.07
C SER A 109 9.33 3.23 -9.39
N THR A 110 8.24 2.60 -9.83
CA THR A 110 6.96 2.85 -9.19
C THR A 110 6.03 1.64 -8.99
N GLY A 111 5.08 1.81 -8.07
CA GLY A 111 4.12 0.77 -7.77
C GLY A 111 3.42 0.28 -9.04
N ALA A 112 2.73 1.18 -9.75
CA ALA A 112 2.01 0.76 -10.96
C ALA A 112 2.94 0.08 -11.93
N GLU A 113 4.14 0.66 -12.06
CA GLU A 113 5.19 0.13 -12.91
C GLU A 113 5.52 -1.29 -12.51
N SER A 114 5.65 -1.53 -11.21
CA SER A 114 5.91 -2.87 -10.73
C SER A 114 4.74 -3.79 -11.07
N ASN A 115 3.50 -3.37 -10.78
CA ASN A 115 2.42 -4.28 -11.09
C ASN A 115 2.31 -4.52 -12.56
N GLU A 116 2.65 -3.53 -13.35
CA GLU A 116 2.53 -3.73 -14.78
C GLU A 116 3.50 -4.80 -15.27
N ALA A 117 4.73 -4.71 -14.79
CA ALA A 117 5.74 -5.66 -15.19
C ALA A 117 5.33 -7.06 -14.78
N ALA A 118 4.76 -7.17 -13.59
CA ALA A 118 4.30 -8.46 -13.08
C ALA A 118 3.19 -9.00 -13.94
N ILE A 119 2.17 -8.17 -14.10
CA ILE A 119 1.07 -8.56 -14.94
C ILE A 119 1.53 -8.96 -16.35
N ARG A 120 2.42 -8.17 -16.95
CA ARG A 120 2.90 -8.49 -18.29
C ARG A 120 3.58 -9.84 -18.34
N MET A 121 4.46 -10.10 -17.37
CA MET A 121 5.16 -11.38 -17.29
C MET A 121 4.17 -12.52 -17.13
N ALA A 122 3.13 -12.32 -16.31
CA ALA A 122 2.13 -13.36 -16.12
C ALA A 122 1.48 -13.77 -17.44
N LYS A 123 1.02 -12.76 -18.18
CA LYS A 123 0.38 -12.97 -19.48
C LYS A 123 1.35 -13.67 -20.43
N LEU A 124 2.60 -13.23 -20.42
CA LEU A 124 3.58 -13.82 -21.31
C LEU A 124 3.70 -15.30 -21.03
N VAL A 125 4.12 -15.59 -19.82
CA VAL A 125 4.35 -16.93 -19.36
C VAL A 125 3.22 -17.88 -19.60
N THR A 126 1.99 -17.45 -19.28
CA THR A 126 0.82 -18.32 -19.43
C THR A 126 0.25 -18.35 -20.82
N GLY A 127 0.42 -17.26 -21.56
CA GLY A 127 -0.13 -17.22 -22.89
C GLY A 127 -1.56 -16.77 -22.84
N LYS A 128 -2.01 -16.35 -21.66
CA LYS A 128 -3.37 -15.88 -21.48
C LYS A 128 -3.40 -14.41 -21.11
N TYR A 129 -4.58 -13.82 -20.94
CA TYR A 129 -4.64 -12.38 -20.69
C TYR A 129 -5.68 -11.88 -19.74
N GLU A 130 -6.57 -12.76 -19.29
CA GLU A 130 -7.60 -12.31 -18.36
C GLU A 130 -6.99 -12.17 -16.99
N ILE A 131 -7.35 -11.07 -16.28
CA ILE A 131 -6.81 -10.76 -14.95
C ILE A 131 -7.92 -10.47 -13.95
N VAL A 132 -7.94 -11.19 -12.83
CA VAL A 132 -8.96 -10.98 -11.83
C VAL A 132 -8.38 -10.22 -10.66
N GLY A 133 -9.19 -9.32 -10.06
CA GLY A 133 -8.78 -8.53 -8.91
C GLY A 133 -9.95 -8.32 -7.94
N PHE A 134 -9.73 -7.59 -6.84
CA PHE A 134 -10.81 -7.30 -5.88
C PHE A 134 -11.61 -6.04 -6.29
N ALA A 135 -12.90 -6.05 -6.02
CA ALA A 135 -13.70 -4.93 -6.43
C ALA A 135 -13.36 -3.66 -5.66
N GLN A 136 -12.52 -3.81 -4.64
CA GLN A 136 -12.13 -2.68 -3.79
C GLN A 136 -10.62 -2.43 -3.89
N SER A 137 -10.01 -2.95 -4.95
CA SER A 137 -8.57 -2.86 -5.19
C SER A 137 -8.04 -1.51 -5.63
N TRP A 138 -6.73 -1.37 -5.46
CA TRP A 138 -5.94 -0.23 -5.92
C TRP A 138 -4.54 -0.65 -6.32
N HIS A 139 -4.26 -0.61 -7.62
CA HIS A 139 -2.95 -1.00 -8.07
C HIS A 139 -2.15 0.01 -8.86
N GLY A 140 -2.73 1.17 -9.16
CA GLY A 140 -1.97 2.18 -9.91
C GLY A 140 -2.78 2.93 -10.95
N MET A 141 -2.22 4.04 -11.45
CA MET A 141 -2.93 4.84 -12.44
C MET A 141 -2.65 4.45 -13.88
N THR A 142 -1.56 3.72 -14.15
CA THR A 142 -1.24 3.34 -15.52
C THR A 142 -2.09 2.22 -15.98
N GLY A 143 -2.11 2.08 -17.29
CA GLY A 143 -2.85 1.06 -18.02
C GLY A 143 -3.30 -0.18 -17.25
N ALA A 144 -2.52 -1.27 -17.34
CA ALA A 144 -2.90 -2.52 -16.71
C ALA A 144 -3.13 -2.38 -15.22
N ALA A 145 -2.28 -1.59 -14.58
CA ALA A 145 -2.46 -1.40 -13.16
C ALA A 145 -3.87 -0.85 -12.92
N ALA A 146 -4.22 0.19 -13.67
CA ALA A 146 -5.52 0.82 -13.54
C ALA A 146 -6.74 -0.05 -13.90
N SER A 147 -6.58 -0.97 -14.84
CA SER A 147 -7.72 -1.82 -15.21
C SER A 147 -8.07 -2.81 -14.10
N ALA A 148 -7.10 -3.09 -13.25
CA ALA A 148 -7.25 -4.00 -12.13
C ALA A 148 -7.62 -3.24 -10.87
N THR A 149 -7.71 -1.93 -10.98
CA THR A 149 -8.05 -1.12 -9.81
C THR A 149 -9.53 -0.86 -9.84
N TYR A 150 -10.23 -1.32 -8.81
CA TYR A 150 -11.65 -1.09 -8.80
C TYR A 150 -12.15 -0.18 -7.69
N SER A 151 -11.26 0.38 -6.87
CA SER A 151 -11.75 1.25 -5.82
C SER A 151 -12.11 2.61 -6.39
N ALA A 152 -11.41 2.98 -7.45
CA ALA A 152 -11.67 4.27 -8.10
C ALA A 152 -11.12 4.39 -9.51
N GLY A 153 -11.55 5.45 -10.18
CA GLY A 153 -11.09 5.80 -11.53
C GLY A 153 -11.55 5.01 -12.75
N ARG A 154 -12.60 4.19 -12.64
CA ARG A 154 -13.07 3.38 -13.79
C ARG A 154 -13.87 4.13 -14.87
N LYS A 155 -14.55 5.17 -14.44
CA LYS A 155 -15.42 5.95 -15.30
C LYS A 155 -14.79 7.10 -16.09
N GLY A 156 -15.50 7.45 -17.17
CA GLY A 156 -15.16 8.57 -18.05
C GLY A 156 -13.83 8.53 -18.77
N VAL A 157 -13.17 7.40 -18.76
CA VAL A 157 -11.90 7.32 -19.45
C VAL A 157 -11.78 6.20 -20.47
N GLY A 158 -12.93 5.70 -20.92
CA GLY A 158 -12.96 4.65 -21.92
C GLY A 158 -12.87 3.22 -21.38
N PRO A 159 -13.04 2.27 -22.29
CA PRO A 159 -13.00 0.84 -21.96
C PRO A 159 -11.81 0.40 -21.12
N ALA A 160 -12.03 -0.59 -20.27
CA ALA A 160 -10.92 -1.08 -19.51
C ALA A 160 -10.20 -2.04 -20.43
N ALA A 161 -9.16 -2.64 -19.90
CA ALA A 161 -8.42 -3.59 -20.66
C ALA A 161 -9.26 -4.83 -20.88
N VAL A 162 -9.12 -5.44 -22.03
CA VAL A 162 -9.84 -6.66 -22.34
C VAL A 162 -9.51 -7.78 -21.35
N GLY A 163 -10.55 -8.45 -20.85
CA GLY A 163 -10.40 -9.60 -19.94
C GLY A 163 -10.29 -9.29 -18.45
N SER A 164 -10.86 -8.15 -18.09
CA SER A 164 -10.83 -7.67 -16.74
C SER A 164 -12.03 -8.08 -15.92
N PHE A 165 -11.76 -8.80 -14.85
CA PHE A 165 -12.77 -9.23 -13.90
C PHE A 165 -12.39 -8.90 -12.48
N ALA A 166 -13.41 -8.95 -11.63
CA ALA A 166 -13.23 -8.65 -10.23
C ALA A 166 -14.13 -9.51 -9.44
N ILE A 167 -13.73 -9.77 -8.21
CA ILE A 167 -14.53 -10.52 -7.27
C ILE A 167 -14.60 -9.66 -6.02
N PRO A 168 -15.62 -9.88 -5.20
CA PRO A 168 -15.76 -9.13 -3.97
C PRO A 168 -14.68 -9.56 -3.01
N ALA A 169 -14.22 -8.62 -2.20
CA ALA A 169 -13.18 -8.91 -1.23
C ALA A 169 -13.87 -9.32 0.05
N PRO A 170 -13.22 -10.16 0.85
CA PRO A 170 -13.80 -10.59 2.11
C PRO A 170 -13.79 -9.41 3.08
N PHE A 171 -14.95 -9.01 3.57
CA PHE A 171 -15.05 -7.85 4.47
C PHE A 171 -15.85 -8.18 5.71
N THR A 172 -15.16 -8.69 6.70
CA THR A 172 -15.76 -9.09 7.95
C THR A 172 -16.68 -8.11 8.63
N TYR A 173 -16.37 -6.81 8.60
CA TYR A 173 -17.20 -5.80 9.24
C TYR A 173 -18.60 -5.70 8.67
N ARG A 174 -18.69 -5.63 7.35
CA ARG A 174 -20.00 -5.56 6.71
C ARG A 174 -20.16 -6.76 5.79
N PRO A 175 -20.50 -7.89 6.38
CA PRO A 175 -20.66 -9.16 5.66
C PRO A 175 -21.89 -9.18 4.78
N ARG A 176 -21.78 -9.89 3.66
CA ARG A 176 -22.89 -9.97 2.72
C ARG A 176 -23.23 -11.36 2.17
N PHE A 177 -22.43 -12.35 2.55
CA PHE A 177 -22.67 -13.70 2.05
C PHE A 177 -22.84 -14.62 3.22
N GLU A 178 -23.99 -15.27 3.32
CA GLU A 178 -24.22 -16.18 4.44
C GLU A 178 -24.57 -17.62 4.14
N ARG A 179 -24.14 -18.48 5.07
CA ARG A 179 -24.39 -19.92 5.06
C ARG A 179 -24.64 -20.39 6.50
N ASN A 180 -25.76 -21.12 6.69
CA ASN A 180 -26.22 -21.55 8.01
C ASN A 180 -26.02 -20.43 8.98
N GLY A 181 -26.75 -19.37 8.69
CA GLY A 181 -26.79 -18.17 9.50
C GLY A 181 -25.45 -17.50 9.76
N ALA A 182 -24.42 -17.80 8.97
CA ALA A 182 -23.12 -17.18 9.19
C ALA A 182 -22.36 -16.78 7.94
N TYR A 183 -21.47 -15.77 8.14
CA TYR A 183 -20.61 -15.25 7.08
C TYR A 183 -19.58 -16.28 6.71
N ASP A 184 -19.73 -16.80 5.51
CA ASP A 184 -18.81 -17.80 5.04
C ASP A 184 -17.99 -17.26 3.88
N TYR A 185 -17.00 -16.48 4.25
CA TYR A 185 -16.15 -15.86 3.29
C TYR A 185 -15.51 -16.80 2.26
N LEU A 186 -15.40 -18.08 2.59
CA LEU A 186 -14.85 -19.04 1.66
C LEU A 186 -15.94 -19.36 0.63
N ALA A 187 -17.12 -19.71 1.13
CA ALA A 187 -18.23 -20.00 0.24
C ALA A 187 -18.38 -18.86 -0.75
N GLU A 188 -18.16 -17.65 -0.27
CA GLU A 188 -18.25 -16.46 -1.10
C GLU A 188 -17.24 -16.56 -2.22
N LEU A 189 -16.03 -17.00 -1.84
CA LEU A 189 -14.93 -17.18 -2.79
C LEU A 189 -15.34 -18.20 -3.85
N ASP A 190 -15.87 -19.32 -3.42
CA ASP A 190 -16.29 -20.35 -4.36
C ASP A 190 -17.36 -19.85 -5.30
N TYR A 191 -18.26 -19.07 -4.74
CA TYR A 191 -19.39 -18.53 -5.46
C TYR A 191 -18.91 -17.61 -6.53
N ALA A 192 -18.03 -16.73 -6.11
CA ALA A 192 -17.43 -15.75 -6.96
C ALA A 192 -16.69 -16.36 -8.14
N PHE A 193 -15.85 -17.36 -7.88
CA PHE A 193 -15.07 -18.00 -8.93
C PHE A 193 -15.91 -18.78 -9.91
N ASP A 194 -17.05 -19.26 -9.45
CA ASP A 194 -17.87 -20.00 -10.38
C ASP A 194 -18.28 -19.03 -11.48
N LEU A 195 -18.68 -17.84 -11.07
CA LEU A 195 -19.09 -16.82 -11.99
C LEU A 195 -17.93 -16.54 -12.94
N ILE A 196 -16.79 -16.20 -12.37
CA ILE A 196 -15.66 -15.89 -13.19
C ILE A 196 -15.55 -16.93 -14.26
N ASP A 197 -15.57 -18.17 -13.81
CA ASP A 197 -15.41 -19.29 -14.68
C ASP A 197 -16.42 -19.24 -15.80
N ARG A 198 -17.63 -18.86 -15.49
CA ARG A 198 -18.63 -18.82 -16.53
C ARG A 198 -18.48 -17.72 -17.55
N GLN A 199 -17.73 -16.69 -17.20
CA GLN A 199 -17.51 -15.60 -18.13
C GLN A 199 -16.15 -15.67 -18.81
N SER A 200 -15.20 -16.34 -18.19
CA SER A 200 -13.91 -16.41 -18.83
C SER A 200 -14.04 -17.00 -20.22
N SER A 201 -13.07 -16.69 -21.06
CA SER A 201 -13.05 -17.16 -22.41
C SER A 201 -12.03 -18.27 -22.48
N GLY A 202 -11.56 -18.65 -21.31
CA GLY A 202 -10.56 -19.70 -21.25
C GLY A 202 -9.18 -19.09 -21.21
N ASN A 203 -9.08 -17.82 -20.79
CA ASN A 203 -7.79 -17.15 -20.75
C ASN A 203 -7.36 -16.51 -19.45
N LEU A 204 -7.75 -17.12 -18.33
CA LEU A 204 -7.36 -16.60 -17.03
C LEU A 204 -5.87 -16.77 -16.89
N ALA A 205 -5.18 -15.68 -16.60
CA ALA A 205 -3.75 -15.75 -16.45
C ALA A 205 -3.22 -15.45 -15.06
N ALA A 206 -3.90 -14.57 -14.31
CA ALA A 206 -3.45 -14.23 -12.95
C ALA A 206 -4.50 -13.59 -12.08
N PHE A 207 -4.21 -13.57 -10.79
CA PHE A 207 -5.05 -12.91 -9.79
C PHE A 207 -4.10 -12.00 -9.09
N ILE A 208 -4.51 -10.76 -8.94
CA ILE A 208 -3.65 -9.79 -8.29
C ILE A 208 -4.34 -9.29 -7.01
N ALA A 209 -3.60 -9.31 -5.92
CA ALA A 209 -4.21 -8.93 -4.67
C ALA A 209 -3.30 -8.27 -3.65
N GLU A 210 -3.91 -7.41 -2.86
CA GLU A 210 -3.21 -6.76 -1.77
C GLU A 210 -3.53 -7.60 -0.51
N PRO A 211 -2.53 -7.91 0.31
CA PRO A 211 -2.83 -8.69 1.51
C PRO A 211 -3.74 -7.90 2.41
N ILE A 212 -3.65 -6.58 2.28
CA ILE A 212 -4.50 -5.66 3.02
C ILE A 212 -4.93 -4.51 2.10
N LEU A 213 -6.21 -4.49 1.83
CA LEU A 213 -6.80 -3.48 0.97
C LEU A 213 -6.71 -2.11 1.63
N SER A 214 -5.63 -1.39 1.32
CA SER A 214 -5.37 -0.07 1.87
C SER A 214 -6.34 0.97 1.39
N SER A 215 -6.30 1.27 0.11
CA SER A 215 -7.21 2.26 -0.40
C SER A 215 -8.66 1.76 -0.27
N GLY A 216 -8.83 0.46 -0.26
CA GLY A 216 -10.16 -0.13 -0.14
C GLY A 216 -10.80 0.03 1.23
N GLY A 217 -10.02 0.52 2.20
CA GLY A 217 -10.53 0.77 3.55
C GLY A 217 -9.85 -0.05 4.63
N ILE A 218 -8.59 -0.37 4.42
CA ILE A 218 -7.88 -1.20 5.37
C ILE A 218 -8.68 -2.49 5.59
N ILE A 219 -8.78 -3.28 4.52
CA ILE A 219 -9.48 -4.54 4.59
C ILE A 219 -8.45 -5.65 4.62
N GLU A 220 -8.45 -6.40 5.69
CA GLU A 220 -7.50 -7.48 5.88
C GLU A 220 -8.12 -8.76 5.39
N LEU A 221 -7.37 -9.57 4.66
CA LEU A 221 -7.95 -10.82 4.20
C LEU A 221 -7.93 -11.78 5.38
N PRO A 222 -9.12 -12.29 5.74
CA PRO A 222 -9.30 -13.18 6.88
C PRO A 222 -8.64 -14.57 6.76
N ASP A 223 -8.50 -15.22 7.93
CA ASP A 223 -7.86 -16.52 8.12
C ASP A 223 -8.18 -17.64 7.13
N GLY A 224 -7.20 -18.05 6.34
CA GLY A 224 -7.41 -19.14 5.39
C GLY A 224 -7.70 -18.68 3.98
N TYR A 225 -8.17 -17.45 3.86
CA TYR A 225 -8.49 -16.92 2.56
C TYR A 225 -7.35 -17.07 1.57
N MET A 226 -6.23 -16.41 1.82
CA MET A 226 -5.15 -16.48 0.86
C MET A 226 -4.80 -17.88 0.41
N ALA A 227 -4.79 -18.81 1.35
CA ALA A 227 -4.48 -20.17 1.01
C ALA A 227 -5.51 -20.66 0.01
N ALA A 228 -6.77 -20.38 0.33
CA ALA A 228 -7.87 -20.76 -0.53
C ALA A 228 -7.70 -20.16 -1.93
N LEU A 229 -7.40 -18.86 -1.94
CA LEU A 229 -7.20 -18.11 -3.16
C LEU A 229 -6.17 -18.80 -4.00
N LYS A 230 -5.01 -18.90 -3.38
CA LYS A 230 -3.90 -19.55 -4.01
C LYS A 230 -4.35 -20.81 -4.75
N ARG A 231 -5.03 -21.69 -4.03
CA ARG A 231 -5.52 -22.95 -4.58
C ARG A 231 -6.52 -22.80 -5.75
N LYS A 232 -7.31 -21.72 -5.68
CA LYS A 232 -8.27 -21.42 -6.72
C LYS A 232 -7.52 -21.11 -8.01
N CYS A 233 -6.40 -20.42 -7.85
CA CYS A 233 -5.53 -20.10 -8.95
C CYS A 233 -4.88 -21.36 -9.46
N GLU A 234 -4.21 -22.06 -8.57
CA GLU A 234 -3.51 -23.28 -8.91
C GLU A 234 -4.31 -24.21 -9.82
N ALA A 235 -5.56 -24.40 -9.49
CA ALA A 235 -6.43 -25.27 -10.25
C ALA A 235 -6.75 -24.78 -11.66
N ARG A 236 -6.54 -23.50 -11.90
CA ARG A 236 -6.88 -22.90 -13.18
C ARG A 236 -5.66 -22.48 -14.01
N GLY A 237 -4.48 -22.85 -13.53
CA GLY A 237 -3.23 -22.51 -14.21
C GLY A 237 -2.94 -21.01 -14.19
N MET A 238 -3.29 -20.36 -13.08
CA MET A 238 -3.12 -18.92 -12.92
C MET A 238 -2.04 -18.57 -11.96
N LEU A 239 -1.43 -17.41 -12.18
CA LEU A 239 -0.43 -16.94 -11.25
C LEU A 239 -1.13 -16.14 -10.19
N LEU A 240 -0.47 -16.00 -9.06
CA LEU A 240 -0.96 -15.20 -7.96
C LEU A 240 0.10 -14.13 -7.73
N ILE A 241 -0.32 -12.90 -7.94
CA ILE A 241 0.54 -11.76 -7.82
C ILE A 241 0.08 -11.00 -6.61
N LEU A 242 0.98 -10.86 -5.65
CA LEU A 242 0.68 -10.16 -4.41
C LEU A 242 1.33 -8.77 -4.44
N ASP A 243 0.48 -7.75 -4.32
CA ASP A 243 0.91 -6.35 -4.32
C ASP A 243 1.17 -5.89 -2.88
N GLU A 244 2.46 -5.87 -2.47
CA GLU A 244 2.79 -5.44 -1.10
C GLU A 244 3.36 -4.02 -0.97
N ALA A 245 2.81 -3.10 -1.72
CA ALA A 245 3.26 -1.71 -1.69
C ALA A 245 3.13 -1.05 -0.34
N GLN A 246 2.07 -1.35 0.38
CA GLN A 246 1.89 -0.70 1.65
C GLN A 246 2.20 -1.60 2.81
N THR A 247 2.21 -2.89 2.53
CA THR A 247 2.42 -3.90 3.54
C THR A 247 3.84 -4.45 3.64
N GLY A 248 4.52 -4.51 2.51
CA GLY A 248 5.88 -5.01 2.49
C GLY A 248 6.78 -4.17 3.39
N VAL A 249 8.00 -4.63 3.62
CA VAL A 249 8.99 -3.94 4.45
C VAL A 249 8.70 -3.69 5.96
N GLY A 250 8.18 -4.71 6.66
CA GLY A 250 7.93 -4.62 8.11
C GLY A 250 6.64 -3.99 8.65
N ARG A 251 5.95 -3.18 7.85
CA ARG A 251 4.74 -2.48 8.31
C ARG A 251 3.66 -3.21 9.09
N THR A 252 3.28 -4.40 8.64
CA THR A 252 2.22 -5.14 9.31
C THR A 252 2.73 -6.08 10.38
N GLY A 253 3.98 -5.90 10.82
CA GLY A 253 4.56 -6.79 11.84
C GLY A 253 5.44 -7.96 11.30
N THR A 254 5.39 -8.21 9.99
CA THR A 254 6.23 -9.23 9.39
C THR A 254 6.98 -8.52 8.27
N MET A 255 8.08 -9.07 7.81
CA MET A 255 8.82 -8.40 6.77
C MET A 255 7.91 -8.24 5.58
N PHE A 256 7.11 -9.28 5.32
CA PHE A 256 6.14 -9.28 4.22
C PHE A 256 4.85 -9.88 4.74
N ALA A 257 3.72 -9.40 4.27
CA ALA A 257 2.46 -9.92 4.78
C ALA A 257 2.18 -11.35 4.39
N CYS A 258 2.69 -11.77 3.25
CA CYS A 258 2.47 -13.14 2.81
C CYS A 258 3.11 -14.16 3.77
N GLN A 259 4.08 -13.70 4.57
CA GLN A 259 4.77 -14.56 5.54
C GLN A 259 3.84 -15.03 6.66
N ARG A 260 3.01 -14.12 7.15
CA ARG A 260 2.04 -14.40 8.20
C ARG A 260 1.15 -15.56 7.79
N ASP A 261 0.51 -15.36 6.64
CA ASP A 261 -0.40 -16.33 6.10
C ASP A 261 0.32 -17.62 5.72
N GLY A 262 1.61 -17.52 5.43
CA GLY A 262 2.36 -18.70 5.07
C GLY A 262 2.08 -19.15 3.64
N VAL A 263 1.71 -18.20 2.78
CA VAL A 263 1.45 -18.49 1.37
C VAL A 263 2.33 -17.62 0.50
N THR A 264 3.23 -18.23 -0.25
CA THR A 264 4.10 -17.44 -1.08
C THR A 264 3.56 -17.36 -2.49
N PRO A 265 3.51 -16.14 -3.04
CA PRO A 265 2.97 -15.88 -4.35
C PRO A 265 3.91 -16.24 -5.47
N ASP A 266 3.38 -16.25 -6.69
CA ASP A 266 4.20 -16.52 -7.85
C ASP A 266 5.01 -15.27 -8.17
N ILE A 267 4.39 -14.11 -8.00
CA ILE A 267 5.11 -12.87 -8.20
C ILE A 267 4.72 -11.97 -7.08
N LEU A 268 5.72 -11.28 -6.51
CA LEU A 268 5.50 -10.35 -5.40
C LEU A 268 6.04 -8.98 -5.81
N THR A 269 5.23 -7.94 -5.58
CA THR A 269 5.61 -6.57 -5.94
C THR A 269 5.82 -5.70 -4.71
N LEU A 270 6.80 -4.81 -4.80
CA LEU A 270 7.14 -3.92 -3.71
C LEU A 270 7.35 -2.52 -4.22
N SER A 271 7.20 -1.53 -3.36
CA SER A 271 7.41 -0.17 -3.80
C SER A 271 7.48 0.88 -2.70
N LYS A 272 6.42 1.63 -2.54
CA LYS A 272 6.35 2.72 -1.57
C LYS A 272 7.41 2.65 -0.49
N THR A 273 7.22 1.66 0.40
CA THR A 273 8.07 1.37 1.56
C THR A 273 9.50 0.99 1.25
N LEU A 274 9.73 0.39 0.09
CA LEU A 274 11.06 -0.04 -0.27
C LEU A 274 11.96 1.14 -0.51
N GLY A 275 11.37 2.21 -1.03
CA GLY A 275 12.12 3.42 -1.36
C GLY A 275 12.18 4.41 -0.22
N ALA A 276 11.29 4.23 0.75
CA ALA A 276 11.23 5.11 1.90
C ALA A 276 11.13 6.57 1.45
N GLY A 277 10.22 6.83 0.50
CA GLY A 277 10.00 8.18 0.00
C GLY A 277 10.65 8.54 -1.33
N LEU A 278 11.60 7.72 -1.78
CA LEU A 278 12.31 7.92 -3.04
C LEU A 278 11.64 6.95 -4.02
N PRO A 279 11.82 7.12 -5.32
CA PRO A 279 11.17 6.23 -6.26
C PRO A 279 11.96 4.99 -6.58
N LEU A 280 11.62 3.93 -5.86
CA LEU A 280 12.20 2.63 -6.09
C LEU A 280 11.05 1.63 -6.03
N ALA A 281 11.11 0.64 -6.90
CA ALA A 281 10.08 -0.37 -6.94
C ALA A 281 10.71 -1.65 -7.40
N ALA A 282 10.00 -2.77 -7.26
CA ALA A 282 10.55 -4.03 -7.70
C ALA A 282 9.55 -5.15 -7.67
N ILE A 283 9.88 -6.18 -8.43
CA ILE A 283 9.13 -7.41 -8.47
C ILE A 283 10.13 -8.52 -8.17
N VAL A 284 9.61 -9.60 -7.61
CA VAL A 284 10.42 -10.72 -7.23
C VAL A 284 9.66 -11.96 -7.63
N THR A 285 10.32 -12.86 -8.34
CA THR A 285 9.67 -14.06 -8.74
C THR A 285 10.58 -15.28 -8.67
N SER A 286 10.00 -16.42 -8.98
CA SER A 286 10.70 -17.68 -8.94
C SER A 286 11.62 -17.79 -10.13
N ALA A 287 12.65 -18.60 -9.97
CA ALA A 287 13.59 -18.81 -11.04
C ALA A 287 12.96 -19.42 -12.28
N ALA A 288 12.04 -20.34 -12.07
CA ALA A 288 11.37 -20.99 -13.20
C ALA A 288 10.61 -20.03 -14.04
N ILE A 289 9.79 -19.23 -13.37
CA ILE A 289 9.00 -18.23 -14.06
C ILE A 289 9.95 -17.26 -14.73
N GLU A 290 11.02 -16.89 -14.06
CA GLU A 290 11.89 -15.99 -14.73
C GLU A 290 12.43 -16.67 -15.95
N GLU A 291 12.87 -17.91 -15.78
CA GLU A 291 13.44 -18.69 -16.88
C GLU A 291 12.54 -18.78 -18.11
N ARG A 292 11.27 -19.11 -17.89
CA ARG A 292 10.33 -19.22 -19.01
C ARG A 292 10.05 -17.87 -19.59
N ALA A 293 9.94 -16.86 -18.72
CA ALA A 293 9.71 -15.50 -19.20
C ALA A 293 10.85 -15.11 -20.11
N HIS A 294 12.06 -15.50 -19.72
CA HIS A 294 13.20 -15.20 -20.53
C HIS A 294 13.10 -15.92 -21.86
N GLU A 295 12.91 -17.23 -21.78
CA GLU A 295 12.80 -18.07 -22.96
C GLU A 295 11.94 -17.46 -24.03
N LEU A 296 10.83 -16.85 -23.58
CA LEU A 296 9.85 -16.19 -24.43
C LEU A 296 10.12 -14.71 -24.73
N GLY A 297 11.27 -14.22 -24.29
CA GLY A 297 11.64 -12.84 -24.56
C GLY A 297 10.86 -11.79 -23.77
N TYR A 298 10.78 -11.96 -22.47
CA TYR A 298 10.12 -10.97 -21.65
C TYR A 298 10.82 -9.63 -21.89
N LEU A 299 10.04 -8.56 -21.86
CA LEU A 299 10.56 -7.23 -22.11
C LEU A 299 10.03 -6.20 -21.15
N PHE A 300 10.91 -5.64 -20.35
CA PHE A 300 10.53 -4.57 -19.47
C PHE A 300 11.68 -3.59 -19.31
N TYR A 301 12.00 -2.98 -20.42
CA TYR A 301 13.10 -2.07 -20.55
C TYR A 301 12.69 -0.59 -20.40
N THR A 302 13.29 0.04 -19.40
CA THR A 302 13.04 1.43 -19.06
C THR A 302 14.31 2.22 -18.81
N THR A 303 14.13 3.51 -18.57
CA THR A 303 15.21 4.43 -18.29
C THR A 303 15.83 4.11 -16.92
N HIS A 304 14.99 3.96 -15.91
CA HIS A 304 15.48 3.74 -14.58
C HIS A 304 15.60 2.32 -14.03
N VAL A 305 15.27 1.34 -14.85
CA VAL A 305 15.47 -0.05 -14.44
C VAL A 305 16.97 -0.17 -14.19
N SER A 306 17.34 -0.80 -13.09
CA SER A 306 18.75 -1.00 -12.70
C SER A 306 19.64 0.22 -12.59
N ASP A 307 19.14 1.23 -11.90
CA ASP A 307 19.90 2.46 -11.66
C ASP A 307 20.42 2.41 -10.23
N PRO A 308 21.72 2.58 -10.10
CA PRO A 308 22.42 2.52 -8.83
C PRO A 308 21.93 3.36 -7.66
N LEU A 309 21.73 4.66 -7.86
CA LEU A 309 21.29 5.48 -6.75
C LEU A 309 20.15 4.89 -5.94
N PRO A 310 19.01 4.67 -6.58
CA PRO A 310 17.88 4.13 -5.88
C PRO A 310 18.20 2.79 -5.27
N ALA A 311 18.73 1.91 -6.10
CA ALA A 311 19.10 0.58 -5.61
C ALA A 311 19.81 0.76 -4.31
N ALA A 312 20.87 1.54 -4.36
CA ALA A 312 21.65 1.80 -3.19
C ALA A 312 20.76 2.17 -2.00
N VAL A 313 19.83 3.09 -2.23
CA VAL A 313 18.92 3.53 -1.19
C VAL A 313 18.05 2.40 -0.63
N GLY A 314 17.53 1.56 -1.54
CA GLY A 314 16.70 0.44 -1.12
C GLY A 314 17.48 -0.49 -0.20
N LEU A 315 18.75 -0.67 -0.51
CA LEU A 315 19.63 -1.51 0.25
C LEU A 315 19.78 -1.02 1.70
N ARG A 316 20.10 0.27 1.87
CA ARG A 316 20.27 0.84 3.21
C ARG A 316 19.06 0.62 4.07
N VAL A 317 17.91 0.97 3.51
CA VAL A 317 16.64 0.81 4.17
C VAL A 317 16.47 -0.60 4.73
N LEU A 318 16.83 -1.63 3.95
CA LEU A 318 16.68 -3.00 4.43
C LEU A 318 17.65 -3.18 5.55
N ASP A 319 18.86 -2.71 5.30
CA ASP A 319 19.89 -2.78 6.29
C ASP A 319 19.36 -2.25 7.62
N VAL A 320 18.76 -1.06 7.59
CA VAL A 320 18.30 -0.51 8.85
C VAL A 320 17.10 -1.13 9.51
N VAL A 321 16.13 -1.56 8.69
CA VAL A 321 14.93 -2.19 9.22
C VAL A 321 15.36 -3.40 10.01
N GLN A 322 16.28 -4.15 9.41
CA GLN A 322 16.81 -5.34 10.02
C GLN A 322 17.59 -5.02 11.28
N ARG A 323 18.59 -4.16 11.15
CA ARG A 323 19.42 -3.82 12.28
C ARG A 323 18.66 -3.26 13.47
N ASP A 324 17.89 -2.20 13.23
CA ASP A 324 17.11 -1.56 14.29
C ASP A 324 15.87 -2.38 14.71
N GLY A 325 15.68 -3.56 14.12
CA GLY A 325 14.58 -4.46 14.45
C GLY A 325 13.22 -3.77 14.40
N LEU A 326 13.02 -2.98 13.34
CA LEU A 326 11.79 -2.25 13.17
C LEU A 326 10.56 -3.12 12.95
N VAL A 327 10.75 -4.30 12.37
CA VAL A 327 9.61 -5.19 12.15
C VAL A 327 8.93 -5.55 13.47
N ALA A 328 9.74 -5.79 14.50
CA ALA A 328 9.24 -6.13 15.82
C ALA A 328 8.57 -4.91 16.37
N ARG A 329 9.35 -3.86 16.39
CA ARG A 329 8.90 -2.57 16.82
C ARG A 329 7.49 -2.34 16.29
N ALA A 330 7.30 -2.60 15.02
CA ALA A 330 6.01 -2.43 14.39
C ALA A 330 4.92 -3.03 15.25
N ASN A 331 5.13 -4.26 15.69
CA ASN A 331 4.13 -4.93 16.50
C ASN A 331 3.87 -4.25 17.82
N VAL A 332 4.97 -3.83 18.42
CA VAL A 332 4.96 -3.17 19.71
C VAL A 332 4.26 -1.80 19.72
N MET A 333 4.68 -0.88 18.85
CA MET A 333 4.02 0.40 18.76
C MET A 333 2.60 0.20 18.19
N GLY A 334 2.48 -0.84 17.37
CA GLY A 334 1.22 -1.15 16.74
C GLY A 334 0.24 -1.49 17.80
N ASP A 335 0.70 -2.31 18.73
CA ASP A 335 -0.17 -2.70 19.83
C ASP A 335 -0.57 -1.45 20.60
N ARG A 336 0.42 -0.63 20.90
CA ARG A 336 0.19 0.59 21.63
C ARG A 336 -0.90 1.43 20.95
N LEU A 337 -0.66 1.84 19.72
CA LEU A 337 -1.63 2.61 18.97
C LEU A 337 -3.00 1.86 18.94
N ARG A 338 -3.00 0.57 18.58
CA ARG A 338 -4.25 -0.17 18.52
C ARG A 338 -5.13 0.01 19.74
N ARG A 339 -4.57 -0.31 20.92
CA ARG A 339 -5.28 -0.21 22.18
C ARG A 339 -5.79 1.20 22.43
N GLY A 340 -4.96 2.18 22.07
CA GLY A 340 -5.30 3.58 22.24
C GLY A 340 -6.52 3.89 21.40
N LEU A 341 -6.54 3.31 20.21
CA LEU A 341 -7.66 3.48 19.31
C LEU A 341 -8.88 2.84 19.93
N LEU A 342 -8.72 1.67 20.54
CA LEU A 342 -9.87 1.05 21.20
C LEU A 342 -10.47 1.90 22.33
N ASP A 343 -9.62 2.51 23.17
CA ASP A 343 -10.14 3.37 24.25
C ASP A 343 -11.02 4.48 23.65
N LEU A 344 -10.59 5.10 22.56
CA LEU A 344 -11.40 6.15 21.93
C LEU A 344 -12.71 5.53 21.54
N MET A 345 -12.65 4.36 20.95
CA MET A 345 -13.88 3.73 20.56
C MET A 345 -14.76 3.52 21.79
N GLU A 346 -14.13 3.42 22.96
CA GLU A 346 -14.85 3.22 24.21
C GLU A 346 -15.58 4.46 24.62
N ARG A 347 -15.01 5.59 24.25
CA ARG A 347 -15.58 6.87 24.57
C ARG A 347 -16.63 7.35 23.57
N PHE A 348 -16.27 7.35 22.28
CA PHE A 348 -17.15 7.82 21.18
C PHE A 348 -17.85 6.71 20.44
N ASP A 349 -19.09 6.99 20.02
CA ASP A 349 -19.94 6.03 19.34
C ASP A 349 -19.79 6.11 17.85
N CYS A 350 -19.08 7.15 17.40
CA CYS A 350 -18.84 7.40 15.98
C CYS A 350 -17.81 6.47 15.41
N ILE A 351 -17.06 5.80 16.28
CA ILE A 351 -16.06 4.82 15.88
C ILE A 351 -16.76 3.46 15.88
N GLY A 352 -16.78 2.81 14.73
CA GLY A 352 -17.47 1.53 14.57
C GLY A 352 -16.54 0.35 14.41
N ASP A 353 -15.30 0.62 14.04
CA ASP A 353 -14.36 -0.46 13.89
C ASP A 353 -12.92 -0.01 13.96
N VAL A 354 -12.10 -0.87 14.55
CA VAL A 354 -10.67 -0.64 14.63
C VAL A 354 -10.02 -1.88 14.10
N ARG A 355 -9.39 -1.73 12.95
CA ARG A 355 -8.77 -2.84 12.30
C ARG A 355 -7.41 -2.56 11.72
N GLY A 356 -6.82 -3.61 11.19
CA GLY A 356 -5.52 -3.47 10.61
C GLY A 356 -4.57 -4.42 11.29
N ARG A 357 -3.32 -4.25 10.94
CA ARG A 357 -2.27 -5.07 11.46
C ARG A 357 -0.99 -4.30 11.60
N GLY A 358 -0.35 -4.41 12.76
CA GLY A 358 0.91 -3.73 13.01
C GLY A 358 0.74 -2.24 13.08
N LEU A 359 1.34 -1.55 12.11
CA LEU A 359 1.31 -0.09 11.99
C LEU A 359 0.64 0.32 10.67
N LEU A 360 -0.39 -0.45 10.32
CA LEU A 360 -1.24 -0.23 9.14
C LEU A 360 -2.62 -0.52 9.73
N LEU A 361 -3.22 0.55 10.21
CA LEU A 361 -4.45 0.51 10.93
C LEU A 361 -5.50 1.39 10.28
N GLY A 362 -6.76 0.98 10.45
CA GLY A 362 -7.89 1.71 9.94
C GLY A 362 -8.96 1.95 11.04
N VAL A 363 -9.59 3.11 10.98
CA VAL A 363 -10.65 3.45 11.93
C VAL A 363 -11.90 3.83 11.13
N GLU A 364 -12.94 2.99 11.18
CA GLU A 364 -14.17 3.25 10.43
C GLU A 364 -15.22 4.06 11.17
N ILE A 365 -15.44 5.28 10.70
CA ILE A 365 -16.42 6.17 11.29
C ILE A 365 -17.81 5.84 10.79
N VAL A 366 -18.72 5.71 11.77
CA VAL A 366 -20.10 5.33 11.52
C VAL A 366 -21.06 6.16 12.39
N LYS A 367 -22.27 6.41 11.90
CA LYS A 367 -23.28 7.20 12.64
C LYS A 367 -23.92 6.36 13.74
N ASP A 368 -24.55 5.28 13.33
CA ASP A 368 -25.17 4.37 14.27
C ASP A 368 -24.26 3.19 14.44
N ARG A 369 -23.75 3.02 15.65
CA ARG A 369 -22.84 1.91 15.90
C ARG A 369 -23.55 0.56 15.97
N ARG A 370 -24.78 0.51 15.45
CA ARG A 370 -25.59 -0.70 15.44
C ARG A 370 -26.23 -0.86 14.06
N THR A 371 -26.32 0.26 13.38
CA THR A 371 -26.85 0.30 12.06
C THR A 371 -25.62 0.19 11.19
N LYS A 372 -24.52 0.69 11.76
CA LYS A 372 -23.27 0.69 11.05
C LYS A 372 -23.50 1.58 9.83
N GLU A 373 -24.19 2.69 10.07
CA GLU A 373 -24.49 3.66 9.03
C GLU A 373 -23.37 4.68 8.89
N PRO A 374 -22.82 4.76 7.69
CA PRO A 374 -21.75 5.68 7.40
C PRO A 374 -21.94 7.06 7.98
N ALA A 375 -20.84 7.61 8.50
CA ALA A 375 -20.85 8.93 9.05
C ALA A 375 -20.62 9.89 7.90
N ASP A 376 -21.72 10.55 7.50
CA ASP A 376 -21.74 11.49 6.39
C ASP A 376 -21.06 12.83 6.73
N GLY A 377 -19.88 13.06 6.18
CA GLY A 377 -19.17 14.30 6.44
C GLY A 377 -18.43 14.35 7.78
N LEU A 378 -18.99 13.73 8.82
CA LEU A 378 -18.34 13.73 10.14
C LEU A 378 -16.83 13.52 9.98
N GLY A 379 -16.48 12.58 9.09
CA GLY A 379 -15.09 12.29 8.80
C GLY A 379 -14.34 13.57 8.45
N ALA A 380 -14.71 14.17 7.31
CA ALA A 380 -14.08 15.41 6.86
C ALA A 380 -13.86 16.35 8.00
N LYS A 381 -14.85 16.45 8.87
CA LYS A 381 -14.76 17.33 10.03
C LYS A 381 -13.59 16.94 10.94
N ILE A 382 -13.61 15.69 11.36
CA ILE A 382 -12.57 15.21 12.23
C ILE A 382 -11.24 15.40 11.57
N THR A 383 -11.17 14.99 10.31
CA THR A 383 -9.94 15.10 9.54
C THR A 383 -9.44 16.53 9.60
N ARG A 384 -10.40 17.43 9.44
CA ARG A 384 -10.15 18.85 9.45
C ARG A 384 -9.65 19.37 10.79
N GLU A 385 -10.22 18.87 11.88
CA GLU A 385 -9.75 19.32 13.20
C GLU A 385 -8.41 18.71 13.57
N CYS A 386 -8.13 17.51 13.06
CA CYS A 386 -6.85 16.91 13.32
C CYS A 386 -5.82 17.90 12.80
N MET A 387 -6.05 18.38 11.59
CA MET A 387 -5.12 19.33 11.01
C MET A 387 -4.99 20.55 11.91
N ASN A 388 -6.11 21.26 12.13
CA ASN A 388 -6.08 22.45 12.98
C ASN A 388 -5.25 22.15 14.23
N LEU A 389 -5.36 20.90 14.69
CA LEU A 389 -4.69 20.41 15.87
C LEU A 389 -3.23 20.04 15.68
N GLY A 390 -2.81 19.79 14.43
CA GLY A 390 -1.41 19.45 14.12
C GLY A 390 -1.10 17.98 13.80
N LEU A 391 -2.12 17.24 13.36
CA LEU A 391 -2.02 15.82 13.04
C LEU A 391 -2.47 15.58 11.63
N SER A 392 -1.58 15.08 10.79
CA SER A 392 -1.97 14.77 9.42
C SER A 392 -2.63 13.41 9.34
N MET A 393 -3.81 13.39 8.73
CA MET A 393 -4.60 12.18 8.57
C MET A 393 -5.11 11.98 7.15
N ASN A 394 -5.73 10.84 6.94
CA ASN A 394 -6.27 10.52 5.65
C ASN A 394 -7.47 9.61 5.82
N ILE A 395 -8.59 10.04 5.29
CA ILE A 395 -9.80 9.25 5.35
C ILE A 395 -10.15 8.83 3.93
N VAL A 396 -10.61 7.60 3.77
CA VAL A 396 -10.98 7.16 2.46
C VAL A 396 -12.47 6.91 2.53
N GLN A 397 -13.17 7.25 1.46
CA GLN A 397 -14.60 7.06 1.48
C GLN A 397 -15.06 6.28 0.26
N LEU A 398 -15.64 5.09 0.50
CA LEU A 398 -16.12 4.22 -0.59
C LEU A 398 -17.61 3.93 -0.54
N PRO A 399 -18.15 3.43 -1.65
CA PRO A 399 -19.56 3.11 -1.68
C PRO A 399 -19.93 2.06 -0.63
N GLY A 400 -21.01 2.36 0.09
CA GLY A 400 -21.54 1.46 1.09
C GLY A 400 -20.76 1.32 2.39
N MET A 401 -19.66 2.03 2.53
CA MET A 401 -18.93 1.92 3.78
C MET A 401 -18.84 3.28 4.41
N GLY A 402 -18.41 3.30 5.67
CA GLY A 402 -18.22 4.54 6.40
C GLY A 402 -16.83 5.09 6.10
N GLY A 403 -16.61 6.35 6.45
CA GLY A 403 -15.33 6.99 6.19
C GLY A 403 -14.21 6.28 6.92
N VAL A 404 -13.12 5.99 6.22
CA VAL A 404 -12.05 5.29 6.87
C VAL A 404 -10.76 6.06 7.02
N PHE A 405 -10.28 6.13 8.27
CA PHE A 405 -9.02 6.78 8.56
C PHE A 405 -7.89 5.78 8.39
N ARG A 406 -7.04 6.02 7.41
CA ARG A 406 -5.91 5.14 7.22
C ARG A 406 -4.80 5.65 8.13
N ILE A 407 -4.39 4.83 9.08
CA ILE A 407 -3.35 5.24 10.01
C ILE A 407 -2.07 4.45 9.79
N ALA A 408 -0.99 5.15 9.57
CA ALA A 408 0.26 4.48 9.28
C ALA A 408 1.43 5.39 9.47
N PRO A 409 1.95 5.34 10.67
CA PRO A 409 3.10 6.14 11.06
C PRO A 409 4.36 5.40 10.71
N PRO A 410 5.48 6.07 10.93
CA PRO A 410 6.77 5.49 10.65
C PRO A 410 7.11 4.38 11.62
N LEU A 411 7.81 3.35 11.09
CA LEU A 411 8.22 2.25 11.93
C LEU A 411 9.18 2.84 12.98
N THR A 412 9.76 4.01 12.69
CA THR A 412 10.66 4.71 13.61
C THR A 412 9.86 5.56 14.61
N VAL A 413 8.52 5.54 14.56
CA VAL A 413 7.73 6.36 15.47
C VAL A 413 8.07 6.10 16.93
N SER A 414 7.96 7.13 17.77
CA SER A 414 8.27 7.05 19.20
C SER A 414 7.04 6.86 20.07
N GLU A 415 7.25 6.35 21.29
CA GLU A 415 6.10 6.12 22.17
C GLU A 415 5.34 7.40 22.41
N ASP A 416 6.10 8.48 22.57
CA ASP A 416 5.47 9.78 22.81
C ASP A 416 4.67 10.30 21.62
N GLU A 417 5.22 10.15 20.43
CA GLU A 417 4.51 10.61 19.26
C GLU A 417 3.18 9.85 19.18
N ILE A 418 3.22 8.54 19.41
CA ILE A 418 2.01 7.72 19.37
C ILE A 418 0.95 8.28 20.30
N ASP A 419 1.36 8.55 21.53
CA ASP A 419 0.45 9.07 22.52
C ASP A 419 -0.07 10.45 22.09
N LEU A 420 0.81 11.23 21.50
CA LEU A 420 0.50 12.56 21.01
C LEU A 420 -0.56 12.55 19.92
N GLY A 421 -0.44 11.62 18.99
CA GLY A 421 -1.40 11.51 17.93
C GLY A 421 -2.73 11.09 18.55
N LEU A 422 -2.68 10.07 19.40
CA LEU A 422 -3.89 9.59 20.06
C LEU A 422 -4.58 10.74 20.78
N SER A 423 -3.80 11.67 21.31
CA SER A 423 -4.36 12.77 22.06
C SER A 423 -5.13 13.72 21.17
N LEU A 424 -4.42 14.22 20.17
CA LEU A 424 -5.00 15.13 19.22
C LEU A 424 -6.21 14.47 18.57
N LEU A 425 -6.12 13.17 18.27
CA LEU A 425 -7.22 12.48 17.61
C LEU A 425 -8.50 12.51 18.41
N GLY A 426 -8.36 12.41 19.73
CA GLY A 426 -9.52 12.44 20.59
C GLY A 426 -10.09 13.85 20.61
N GLN A 427 -9.22 14.85 20.75
CA GLN A 427 -9.67 16.23 20.79
C GLN A 427 -10.39 16.62 19.53
N ALA A 428 -9.81 16.23 18.40
CA ALA A 428 -10.43 16.52 17.12
C ALA A 428 -11.80 15.88 17.10
N ILE A 429 -11.91 14.65 17.59
CA ILE A 429 -13.20 13.98 17.57
C ILE A 429 -14.22 14.69 18.38
N GLU A 430 -13.92 14.91 19.64
CA GLU A 430 -14.89 15.54 20.50
C GLU A 430 -15.29 16.91 20.02
N ARG A 431 -14.36 17.61 19.41
CA ARG A 431 -14.63 18.95 18.93
C ARG A 431 -15.41 18.92 17.63
N ALA A 432 -15.29 17.81 16.92
CA ALA A 432 -15.96 17.63 15.64
C ALA A 432 -17.44 17.33 15.74
N LEU A 433 -17.86 16.82 16.89
CA LEU A 433 -19.25 16.43 17.12
C LEU A 433 -20.19 17.58 17.40
NA NA B . 13.62 -16.27 -1.16
K K C . 19.18 2.30 -16.27
C4 NMA D . -0.82 2.16 -4.51
C4A NMA D . -1.16 3.54 -4.35
P NMA D . 2.27 4.40 -7.56
O1P NMA D . 2.43 4.15 -9.04
O2P NMA D . 0.99 5.30 -7.38
O3P NMA D . 3.44 4.92 -6.81
O4P NMA D . 1.84 3.05 -6.84
C5A NMA D . 0.43 2.93 -6.58
C5 NMA D . -0.02 1.79 -5.63
N1 NMA D . -0.24 -0.44 -5.16
C6 NMA D . 0.24 0.50 -5.97
C2 NMA D . -1.00 -0.21 -4.05
C2A NMA D . -1.47 -1.40 -3.25
C3 NMA D . -1.35 1.13 -3.73
O3 NMA D . -2.17 1.29 -2.64
N NMA D . -1.15 4.19 -3.25
C8 NMA D . -2.05 5.37 -3.10
C7 NMA D . -2.77 5.22 -1.81
O7 NMA D . -2.12 5.32 -0.67
O8 NMA D . -3.95 4.96 -1.84
C9 NMA D . -1.43 6.77 -3.18
C10 NMA D . -3.16 5.25 -4.18
#